data_3H2N
#
_entry.id   3H2N
#
_cell.length_a   98.314
_cell.length_b   98.314
_cell.length_c   263.122
_cell.angle_alpha   90.00
_cell.angle_beta   90.00
_cell.angle_gamma   120.00
#
_symmetry.space_group_name_H-M   'P 62 2 2'
#
loop_
_entity.id
_entity.type
_entity.pdbx_description
1 polymer 'Dihydropteroate synthase'
2 non-polymer (6R)-2-amino-6-methyl-5,6,7,8-tetrahydropteridin-4(3H)-one
3 non-polymer 'SULFATE ION'
4 water water
#
_entity_poly.entity_id   1
_entity_poly.type   'polypeptide(L)'
_entity_poly.pdbx_seq_one_letter_code
;MGSSHHHHHHSSGLVPRGSHMKWDYDLRCGEYTLNLNEKTLIMGILNVTPDSFSDGGSYNEVDAAVRHAKEMRDEGAHII
DIGGESTRPGFAKVSVEEEIKRVVPMIQAVSKEVKLPISIDTYKAEVAKQAIEAGAHIINDIWGAKAEPKIAEVAAHYDV
PIILMHNRDNMNYRNLMADMIADLYDSIKIAKDAGVRDENIILDPGIGFAKTPEQNLEAMRNLEQLNVLGYPVLLGTSRK
SFIGHVLDLPVEERLEGTGATVCLGIEKGCEFVRVHDVKEMSRMAKMMDAMIGKGVK
;
_entity_poly.pdbx_strand_id   A,B
#
# COMPACT_ATOMS: atom_id res chain seq x y z
N LYS A 22 -36.82 -11.89 -17.06
CA LYS A 22 -37.39 -10.70 -16.34
C LYS A 22 -36.70 -9.38 -16.60
N TRP A 23 -35.37 -9.26 -16.48
CA TRP A 23 -34.77 -7.98 -16.88
C TRP A 23 -34.37 -8.16 -18.32
N ASP A 24 -34.67 -7.19 -19.17
CA ASP A 24 -34.49 -7.43 -20.58
C ASP A 24 -33.21 -6.78 -21.04
N TYR A 25 -32.45 -6.31 -20.06
CA TYR A 25 -31.18 -5.68 -20.27
C TYR A 25 -30.22 -6.05 -19.14
N ASP A 26 -28.92 -5.84 -19.38
CA ASP A 26 -27.83 -6.00 -18.40
C ASP A 26 -27.43 -4.67 -17.78
N LEU A 27 -26.85 -4.65 -16.59
CA LEU A 27 -26.40 -3.39 -16.05
C LEU A 27 -25.02 -3.09 -16.66
N ARG A 28 -25.00 -2.07 -17.50
CA ARG A 28 -23.76 -1.63 -18.10
C ARG A 28 -22.90 -0.76 -17.15
N CYS A 29 -21.72 -1.28 -16.81
CA CYS A 29 -20.75 -0.59 -15.94
C CYS A 29 -19.38 -0.35 -16.64
N GLY A 30 -19.45 0.16 -17.86
CA GLY A 30 -18.28 0.39 -18.72
C GLY A 30 -17.51 -0.90 -18.92
N GLU A 31 -16.39 -1.00 -18.20
CA GLU A 31 -15.57 -2.18 -18.23
C GLU A 31 -16.35 -3.48 -17.85
N TYR A 32 -17.19 -3.43 -16.81
CA TYR A 32 -17.86 -4.63 -16.34
C TYR A 32 -19.33 -4.59 -16.69
N THR A 33 -19.95 -5.77 -16.82
CA THR A 33 -21.38 -5.86 -17.03
C THR A 33 -21.99 -6.73 -15.96
N LEU A 34 -23.11 -6.29 -15.37
CA LEU A 34 -23.77 -7.09 -14.35
C LEU A 34 -25.10 -7.61 -14.85
N ASN A 35 -25.20 -8.93 -14.96
CA ASN A 35 -26.47 -9.57 -15.20
C ASN A 35 -27.44 -9.57 -14.00
N LEU A 36 -28.65 -9.10 -14.25
CA LEU A 36 -29.72 -8.93 -13.23
C LEU A 36 -30.64 -10.16 -13.04
N ASN A 37 -30.56 -11.14 -13.91
CA ASN A 37 -31.43 -12.31 -13.81
C ASN A 37 -30.75 -13.54 -13.21
N GLU A 38 -29.46 -13.61 -13.37
CA GLU A 38 -28.71 -14.77 -13.04
C GLU A 38 -28.62 -14.99 -11.49
N LYS A 39 -28.24 -13.97 -10.72
CA LYS A 39 -28.15 -14.17 -9.32
C LYS A 39 -28.40 -12.87 -8.57
N THR A 40 -28.63 -12.91 -7.26
CA THR A 40 -28.59 -11.70 -6.44
C THR A 40 -27.15 -11.21 -6.40
N LEU A 41 -26.97 -9.92 -6.69
CA LEU A 41 -25.66 -9.31 -6.80
C LEU A 41 -25.31 -8.71 -5.43
N ILE A 42 -24.10 -8.99 -4.96
CA ILE A 42 -23.67 -8.68 -3.58
C ILE A 42 -22.81 -7.43 -3.60
N MET A 43 -23.20 -6.41 -2.86
CA MET A 43 -22.39 -5.20 -2.78
C MET A 43 -21.67 -5.18 -1.45
N GLY A 44 -20.33 -5.23 -1.52
CA GLY A 44 -19.47 -5.33 -0.30
C GLY A 44 -19.22 -3.94 0.23
N ILE A 45 -19.37 -3.73 1.52
CA ILE A 45 -19.20 -2.39 2.06
C ILE A 45 -17.75 -2.21 2.46
N LEU A 46 -17.07 -1.31 1.74
CA LEU A 46 -15.66 -1.00 2.10
C LEU A 46 -15.63 0.00 3.25
N ASN A 47 -15.15 -0.50 4.40
CA ASN A 47 -14.86 0.34 5.59
C ASN A 47 -13.62 1.21 5.33
N VAL A 48 -13.83 2.53 5.27
CA VAL A 48 -12.80 3.48 4.86
C VAL A 48 -12.21 4.20 6.11
N THR A 49 -11.62 3.42 7.04
CA THR A 49 -11.07 3.92 8.33
C THR A 49 -9.90 4.89 8.14
N PRO A 50 -10.14 6.22 8.30
CA PRO A 50 -9.10 7.18 7.89
C PRO A 50 -7.87 7.16 8.80
N ASP A 51 -6.69 7.48 8.24
CA ASP A 51 -5.52 7.92 9.00
C ASP A 51 -5.80 9.32 9.59
N SER A 52 -5.14 9.64 10.70
CA SER A 52 -5.00 11.05 11.09
C SER A 52 -3.88 11.70 10.24
N PHE A 53 -4.27 12.04 9.00
CA PHE A 53 -3.44 12.60 7.90
C PHE A 53 -4.18 12.41 6.57
N GLY A 57 -4.54 10.38 1.40
CA GLY A 57 -4.09 9.25 0.54
C GLY A 57 -2.90 8.42 1.06
N SER A 58 -2.86 8.29 2.40
CA SER A 58 -1.77 7.68 3.15
C SER A 58 -1.71 6.20 2.82
N TYR A 59 -0.61 5.50 3.21
CA TYR A 59 -0.47 4.05 2.90
C TYR A 59 -1.34 3.09 3.73
N ASN A 60 -1.30 3.25 5.11
CA ASN A 60 -2.07 2.33 5.94
C ASN A 60 -3.55 2.33 5.58
N GLU A 61 -4.10 3.52 5.26
CA GLU A 61 -5.52 3.60 4.91
C GLU A 61 -5.79 3.04 3.48
N VAL A 62 -4.95 3.39 2.46
CA VAL A 62 -5.18 2.89 1.10
C VAL A 62 -4.86 1.40 0.98
N ASP A 63 -3.92 0.95 1.83
CA ASP A 63 -3.51 -0.43 1.77
C ASP A 63 -4.48 -1.30 2.59
N ALA A 64 -5.03 -0.75 3.67
CA ALA A 64 -6.00 -1.52 4.48
C ALA A 64 -7.30 -1.68 3.71
N ALA A 65 -7.65 -0.65 2.94
CA ALA A 65 -8.78 -0.65 2.05
C ALA A 65 -8.61 -1.58 0.83
N VAL A 66 -7.42 -1.63 0.20
CA VAL A 66 -7.17 -2.54 -0.93
C VAL A 66 -7.27 -3.99 -0.43
N ARG A 67 -6.80 -4.27 0.78
CA ARG A 67 -6.77 -5.65 1.22
C ARG A 67 -8.19 -6.04 1.56
N HIS A 68 -8.98 -5.06 2.00
CA HIS A 68 -10.34 -5.34 2.34
C HIS A 68 -11.21 -5.62 1.12
N ALA A 69 -11.02 -4.86 0.06
CA ALA A 69 -11.68 -5.11 -1.21
C ALA A 69 -11.36 -6.46 -1.75
N LYS A 70 -10.09 -6.85 -1.67
CA LYS A 70 -9.60 -8.16 -2.12
C LYS A 70 -10.21 -9.29 -1.33
N GLU A 71 -10.28 -9.15 -0.02
CA GLU A 71 -10.98 -10.13 0.76
C GLU A 71 -12.43 -10.24 0.28
N MET A 72 -13.15 -9.15 0.15
CA MET A 72 -14.51 -9.24 -0.33
C MET A 72 -14.70 -9.79 -1.74
N ARG A 73 -13.82 -9.44 -2.68
CA ARG A 73 -13.81 -10.06 -4.02
C ARG A 73 -13.70 -11.57 -3.87
N ASP A 74 -12.76 -12.04 -3.04
CA ASP A 74 -12.62 -13.47 -2.77
C ASP A 74 -13.78 -14.16 -2.03
N GLU A 75 -14.54 -13.42 -1.23
CA GLU A 75 -15.73 -13.94 -0.50
C GLU A 75 -17.08 -13.99 -1.28
N GLY A 76 -17.09 -13.41 -2.47
CA GLY A 76 -18.16 -13.49 -3.42
C GLY A 76 -18.86 -12.16 -3.74
N ALA A 77 -18.20 -11.01 -3.44
CA ALA A 77 -18.79 -9.69 -3.74
C ALA A 77 -18.72 -9.39 -5.22
N HIS A 78 -19.74 -8.67 -5.71
CA HIS A 78 -19.83 -8.31 -7.13
C HIS A 78 -19.57 -6.85 -7.40
N ILE A 79 -19.62 -6.06 -6.35
CA ILE A 79 -19.46 -4.60 -6.44
C ILE A 79 -18.82 -4.23 -5.13
N ILE A 80 -17.88 -3.29 -5.15
CA ILE A 80 -17.30 -2.71 -3.93
C ILE A 80 -17.87 -1.33 -3.77
N ASP A 81 -18.50 -1.06 -2.61
CA ASP A 81 -19.07 0.24 -2.25
C ASP A 81 -18.12 1.09 -1.38
N ILE A 82 -17.61 2.21 -1.93
CA ILE A 82 -16.63 3.04 -1.24
C ILE A 82 -17.19 4.39 -0.80
N GLY A 83 -17.21 4.68 0.50
CA GLY A 83 -17.82 5.90 1.08
C GLY A 83 -16.85 6.86 1.78
N GLY A 84 -17.03 8.17 1.54
CA GLY A 84 -16.20 9.23 2.18
C GLY A 84 -16.65 9.78 3.54
N GLU A 85 -17.97 9.85 3.78
CA GLU A 85 -18.58 10.39 5.01
C GLU A 85 -19.48 9.36 5.69
N SER A 86 -18.90 8.54 6.58
CA SER A 86 -19.71 7.54 7.30
C SER A 86 -20.51 8.11 8.52
N THR A 87 -21.85 8.23 8.34
CA THR A 87 -22.87 8.57 9.40
C THR A 87 -22.86 7.72 10.73
N ARG A 88 -22.76 8.37 11.89
CA ARG A 88 -22.72 7.68 13.22
C ARG A 88 -22.89 8.66 14.38
N VAL A 94 -17.64 16.97 7.61
CA VAL A 94 -16.81 16.53 6.48
C VAL A 94 -16.89 17.51 5.29
N SER A 95 -15.81 18.27 5.06
CA SER A 95 -15.72 19.25 3.95
C SER A 95 -15.58 18.59 2.57
N VAL A 96 -16.25 19.16 1.56
CA VAL A 96 -16.26 18.62 0.19
C VAL A 96 -14.86 18.39 -0.39
N GLU A 97 -13.99 19.39 -0.24
CA GLU A 97 -12.61 19.32 -0.73
C GLU A 97 -11.89 18.10 -0.17
N GLU A 98 -12.17 17.85 1.11
CA GLU A 98 -11.60 16.76 1.88
C GLU A 98 -12.12 15.38 1.55
N GLU A 99 -13.44 15.28 1.33
CA GLU A 99 -14.07 14.02 1.03
C GLU A 99 -13.42 13.43 -0.24
N ILE A 100 -13.07 14.30 -1.18
CA ILE A 100 -12.39 13.91 -2.44
C ILE A 100 -10.96 13.40 -2.20
N LYS A 101 -10.21 14.13 -1.39
CA LYS A 101 -8.85 13.72 -1.08
C LYS A 101 -8.79 12.38 -0.31
N ARG A 102 -9.81 12.08 0.49
CA ARG A 102 -9.91 10.77 1.14
C ARG A 102 -10.39 9.67 0.19
N VAL A 103 -11.29 9.97 -0.73
CA VAL A 103 -11.93 8.87 -1.44
C VAL A 103 -11.28 8.59 -2.82
N VAL A 104 -10.76 9.63 -3.46
CA VAL A 104 -10.14 9.49 -4.79
C VAL A 104 -8.90 8.52 -4.78
N PRO A 105 -7.97 8.65 -3.79
CA PRO A 105 -6.89 7.68 -3.69
C PRO A 105 -7.40 6.28 -3.51
N MET A 106 -8.48 6.12 -2.75
CA MET A 106 -9.01 4.78 -2.55
C MET A 106 -9.58 4.10 -3.75
N ILE A 107 -10.32 4.86 -4.54
CA ILE A 107 -10.89 4.36 -5.81
C ILE A 107 -9.80 4.01 -6.86
N GLN A 108 -8.77 4.83 -6.94
CA GLN A 108 -7.62 4.55 -7.81
C GLN A 108 -6.92 3.25 -7.45
N ALA A 109 -6.64 3.05 -6.16
CA ALA A 109 -5.98 1.85 -5.77
C ALA A 109 -6.83 0.60 -5.93
N VAL A 110 -8.11 0.67 -5.59
CA VAL A 110 -8.98 -0.49 -5.66
C VAL A 110 -9.37 -0.83 -7.10
N SER A 111 -9.65 0.16 -7.92
CA SER A 111 -10.08 -0.13 -9.27
C SER A 111 -8.93 -0.67 -10.11
N LYS A 112 -7.69 -0.40 -9.68
CA LYS A 112 -6.49 -0.83 -10.40
C LYS A 112 -6.14 -2.25 -9.96
N GLU A 113 -6.38 -2.51 -8.68
CA GLU A 113 -5.90 -3.73 -8.02
C GLU A 113 -6.98 -4.83 -7.82
N VAL A 114 -8.25 -4.44 -7.94
CA VAL A 114 -9.41 -5.35 -7.82
C VAL A 114 -10.42 -5.19 -8.99
N LYS A 115 -10.63 -6.27 -9.75
CA LYS A 115 -11.48 -6.28 -10.95
C LYS A 115 -12.99 -6.37 -10.72
N LEU A 116 -13.56 -5.41 -9.98
CA LEU A 116 -14.98 -5.37 -9.62
C LEU A 116 -15.51 -3.97 -9.90
N PRO A 117 -16.80 -3.82 -10.25
CA PRO A 117 -17.25 -2.44 -10.32
C PRO A 117 -17.27 -1.74 -8.95
N ILE A 118 -17.03 -0.44 -8.99
CA ILE A 118 -16.94 0.30 -7.76
C ILE A 118 -18.03 1.28 -7.78
N SER A 119 -18.78 1.33 -6.70
CA SER A 119 -19.79 2.35 -6.53
C SER A 119 -19.28 3.39 -5.55
N ILE A 120 -19.72 4.63 -5.68
CA ILE A 120 -19.14 5.68 -4.85
C ILE A 120 -20.30 6.17 -4.02
N ASP A 121 -20.15 6.08 -2.70
CA ASP A 121 -21.23 6.39 -1.79
C ASP A 121 -21.16 7.84 -1.40
N THR A 122 -21.65 8.74 -2.26
CA THR A 122 -21.74 10.18 -1.93
C THR A 122 -23.09 10.70 -2.37
N TYR A 123 -23.54 11.86 -1.89
CA TYR A 123 -24.71 12.60 -2.46
C TYR A 123 -24.26 13.94 -3.13
N LYS A 124 -22.98 14.28 -2.95
CA LYS A 124 -22.37 15.52 -3.45
C LYS A 124 -21.94 15.37 -4.90
N ALA A 125 -22.38 16.31 -5.76
CA ALA A 125 -22.11 16.18 -7.19
C ALA A 125 -20.62 16.22 -7.58
N GLU A 126 -19.86 17.08 -6.90
CA GLU A 126 -18.43 17.21 -7.18
C GLU A 126 -17.64 15.98 -6.74
N VAL A 127 -18.06 15.39 -5.62
CA VAL A 127 -17.44 14.19 -5.11
C VAL A 127 -17.72 13.08 -6.10
N ALA A 128 -18.98 12.90 -6.49
CA ALA A 128 -19.33 11.93 -7.51
C ALA A 128 -18.49 12.12 -8.79
N LYS A 129 -18.50 13.35 -9.34
CA LYS A 129 -17.65 13.70 -10.49
C LYS A 129 -16.21 13.20 -10.35
N GLN A 130 -15.45 13.69 -9.37
CA GLN A 130 -14.07 13.19 -9.15
C GLN A 130 -13.93 11.65 -9.07
N ALA A 131 -14.78 11.03 -8.24
CA ALA A 131 -14.80 9.57 -8.04
C ALA A 131 -14.87 8.78 -9.33
N ILE A 132 -15.76 9.20 -10.23
CA ILE A 132 -15.85 8.59 -11.56
C ILE A 132 -14.62 8.83 -12.45
N GLU A 133 -14.00 10.02 -12.36
CA GLU A 133 -12.75 10.31 -13.07
C GLU A 133 -11.70 9.37 -12.54
N ALA A 134 -11.76 9.11 -11.22
CA ALA A 134 -10.72 8.37 -10.55
C ALA A 134 -10.91 6.90 -10.81
N GLY A 135 -12.04 6.50 -11.40
CA GLY A 135 -12.36 5.09 -11.72
C GLY A 135 -13.63 4.43 -11.16
N ALA A 136 -14.52 5.15 -10.47
CA ALA A 136 -15.75 4.49 -9.94
C ALA A 136 -16.78 4.34 -11.04
N HIS A 137 -17.67 3.35 -10.94
CA HIS A 137 -18.60 2.94 -12.02
C HIS A 137 -20.02 3.30 -11.76
N ILE A 138 -20.42 3.36 -10.50
CA ILE A 138 -21.82 3.44 -10.12
C ILE A 138 -21.92 4.56 -9.10
N ILE A 139 -22.96 5.37 -9.18
CA ILE A 139 -23.12 6.33 -8.12
C ILE A 139 -24.11 5.75 -7.10
N ASN A 140 -23.81 5.94 -5.81
CA ASN A 140 -24.66 5.52 -4.73
C ASN A 140 -25.14 6.70 -3.84
N ASP A 141 -26.33 7.24 -4.12
CA ASP A 141 -26.73 8.51 -3.51
C ASP A 141 -27.82 8.34 -2.45
N ILE A 142 -27.47 8.48 -1.18
CA ILE A 142 -28.39 8.24 -0.08
C ILE A 142 -29.50 9.32 0.02
N TRP A 143 -29.36 10.35 -0.80
CA TRP A 143 -30.42 11.36 -0.82
C TRP A 143 -31.20 11.38 -2.11
N GLY A 144 -31.02 10.37 -2.96
CA GLY A 144 -31.74 10.19 -4.20
C GLY A 144 -31.82 11.45 -5.05
N ALA A 145 -30.67 12.08 -5.29
CA ALA A 145 -30.59 13.26 -6.15
C ALA A 145 -31.35 14.47 -5.60
N LYS A 146 -31.73 14.42 -4.33
CA LYS A 146 -32.43 15.53 -3.69
C LYS A 146 -31.56 16.53 -2.92
N ALA A 147 -30.41 16.10 -2.41
CA ALA A 147 -29.52 16.96 -1.65
C ALA A 147 -28.81 17.91 -2.58
N GLU A 148 -28.44 17.37 -3.74
CA GLU A 148 -27.69 18.09 -4.75
C GLU A 148 -28.12 17.55 -6.08
N PRO A 149 -29.19 18.16 -6.67
CA PRO A 149 -29.75 17.66 -7.91
C PRO A 149 -28.77 17.53 -9.07
N LYS A 150 -27.75 18.40 -9.08
CA LYS A 150 -26.65 18.38 -10.04
C LYS A 150 -25.92 17.02 -10.14
N ILE A 151 -26.09 16.16 -9.14
CA ILE A 151 -25.45 14.86 -9.19
C ILE A 151 -26.03 13.99 -10.30
N ALA A 152 -27.32 14.10 -10.58
CA ALA A 152 -27.90 13.31 -11.65
C ALA A 152 -27.38 13.77 -13.00
N GLU A 153 -27.05 15.06 -13.13
CA GLU A 153 -26.33 15.57 -14.34
C GLU A 153 -24.95 14.95 -14.49
N VAL A 154 -24.22 14.86 -13.37
CA VAL A 154 -23.00 14.07 -13.35
C VAL A 154 -23.29 12.66 -13.86
N ALA A 155 -24.34 12.00 -13.36
CA ALA A 155 -24.74 10.65 -13.81
C ALA A 155 -25.10 10.64 -15.28
N ALA A 156 -26.00 11.55 -15.69
CA ALA A 156 -26.41 11.69 -17.07
C ALA A 156 -25.19 11.77 -18.01
N HIS A 157 -24.22 12.63 -17.70
CA HIS A 157 -23.00 12.80 -18.48
C HIS A 157 -22.07 11.60 -18.64
N TYR A 158 -21.55 11.07 -17.53
CA TYR A 158 -20.64 9.92 -17.59
C TYR A 158 -21.42 8.67 -17.95
N ASP A 159 -22.75 8.76 -17.85
CA ASP A 159 -23.62 7.69 -18.30
C ASP A 159 -23.46 6.46 -17.40
N VAL A 160 -23.39 6.67 -16.08
CA VAL A 160 -23.23 5.62 -15.10
C VAL A 160 -24.53 5.22 -14.38
N PRO A 161 -24.57 3.98 -13.85
CA PRO A 161 -25.76 3.63 -13.14
C PRO A 161 -25.88 4.48 -11.89
N ILE A 162 -27.07 4.86 -11.43
CA ILE A 162 -27.15 5.58 -10.15
C ILE A 162 -28.17 4.96 -9.24
N ILE A 163 -27.78 4.78 -7.97
CA ILE A 163 -28.74 4.31 -6.95
C ILE A 163 -29.42 5.51 -6.29
N LEU A 164 -30.74 5.53 -6.37
CA LEU A 164 -31.56 6.52 -5.72
C LEU A 164 -32.19 5.93 -4.47
N MET A 165 -31.78 6.40 -3.30
CA MET A 165 -32.22 5.81 -2.05
C MET A 165 -33.32 6.68 -1.49
N HIS A 166 -34.33 6.06 -0.89
CA HIS A 166 -35.31 6.80 -0.17
C HIS A 166 -34.74 7.46 1.12
N ASN A 167 -34.98 8.75 1.25
CA ASN A 167 -34.58 9.43 2.43
C ASN A 167 -35.44 10.68 2.49
N ARG A 168 -35.63 11.23 3.68
CA ARG A 168 -36.24 12.53 3.83
C ARG A 168 -35.79 13.09 5.16
N ASP A 169 -35.93 14.40 5.33
CA ASP A 169 -35.34 15.09 6.46
C ASP A 169 -36.34 15.11 7.61
N ASN A 170 -37.32 14.20 7.57
CA ASN A 170 -38.45 14.21 8.51
C ASN A 170 -39.03 12.80 8.55
N MET A 171 -39.93 12.51 9.49
CA MET A 171 -40.46 11.12 9.67
C MET A 171 -41.99 11.10 9.83
N ASN A 172 -42.68 12.11 9.27
CA ASN A 172 -44.15 12.17 9.37
C ASN A 172 -44.82 11.64 8.12
N TYR A 173 -45.10 10.34 8.14
CA TYR A 173 -45.70 9.63 7.07
C TYR A 173 -47.20 9.55 7.26
N ARG A 174 -47.97 9.96 6.23
CA ARG A 174 -49.38 9.63 6.13
C ARG A 174 -49.46 8.13 5.91
N ASN A 175 -48.91 7.64 4.81
CA ASN A 175 -48.86 6.20 4.54
C ASN A 175 -47.44 5.85 4.11
N LEU A 176 -46.75 5.10 4.97
CA LEU A 176 -45.32 4.82 4.82
C LEU A 176 -44.96 4.40 3.43
N MET A 177 -45.53 3.30 2.97
CA MET A 177 -45.20 2.74 1.64
C MET A 177 -45.59 3.61 0.47
N ALA A 178 -46.77 4.20 0.56
CA ALA A 178 -47.27 5.07 -0.45
C ALA A 178 -46.40 6.29 -0.53
N ASP A 179 -45.97 6.79 0.63
CA ASP A 179 -45.02 7.93 0.71
C ASP A 179 -43.65 7.56 0.17
N MET A 180 -43.06 6.42 0.57
CA MET A 180 -41.78 6.00 0.01
C MET A 180 -41.82 6.00 -1.50
N ILE A 181 -42.79 5.27 -2.05
CA ILE A 181 -43.04 5.25 -3.49
C ILE A 181 -43.26 6.62 -4.16
N ALA A 182 -44.04 7.53 -3.55
CA ALA A 182 -44.11 8.92 -4.01
C ALA A 182 -42.70 9.51 -4.00
N ASP A 183 -42.05 9.53 -2.84
CA ASP A 183 -40.67 10.14 -2.70
C ASP A 183 -39.65 9.60 -3.65
N LEU A 184 -39.64 8.29 -3.84
CA LEU A 184 -38.71 7.66 -4.78
C LEU A 184 -39.05 8.19 -6.13
N TYR A 185 -40.33 8.22 -6.46
CA TYR A 185 -40.69 8.71 -7.76
C TYR A 185 -40.25 10.19 -8.03
N ASP A 186 -40.34 11.04 -7.00
CA ASP A 186 -39.70 12.38 -7.11
C ASP A 186 -38.21 12.34 -7.40
N SER A 187 -37.50 11.28 -6.99
CA SER A 187 -36.08 11.17 -7.36
C SER A 187 -35.94 10.82 -8.81
N ILE A 188 -36.83 9.96 -9.31
CA ILE A 188 -36.74 9.48 -10.68
C ILE A 188 -36.95 10.61 -11.66
N LYS A 189 -38.04 11.36 -11.48
CA LYS A 189 -38.25 12.62 -12.21
C LYS A 189 -36.97 13.45 -12.28
N ILE A 190 -36.31 13.73 -11.13
CA ILE A 190 -35.14 14.59 -11.10
C ILE A 190 -34.04 14.00 -11.97
N ALA A 191 -33.89 12.68 -11.84
CA ALA A 191 -32.85 11.93 -12.55
C ALA A 191 -33.17 11.97 -14.06
N LYS A 192 -34.41 11.63 -14.41
CA LYS A 192 -34.81 11.57 -15.80
C LYS A 192 -34.76 12.93 -16.52
N ASP A 193 -35.16 13.97 -15.79
CA ASP A 193 -35.09 15.32 -16.26
C ASP A 193 -33.68 15.68 -16.55
N ALA A 194 -32.75 15.37 -15.64
CA ALA A 194 -31.33 15.66 -15.92
C ALA A 194 -30.70 14.82 -17.05
N GLY A 195 -31.44 13.91 -17.68
CA GLY A 195 -30.88 13.05 -18.74
C GLY A 195 -30.56 11.57 -18.42
N VAL A 196 -30.76 11.13 -17.17
CA VAL A 196 -30.56 9.72 -16.78
C VAL A 196 -31.50 8.71 -17.56
N ARG A 197 -30.91 7.75 -18.28
CA ARG A 197 -31.68 6.67 -18.96
C ARG A 197 -32.26 5.71 -17.94
N ASP A 198 -33.48 5.23 -18.20
CA ASP A 198 -34.12 4.29 -17.26
C ASP A 198 -33.20 3.15 -16.82
N GLU A 199 -32.39 2.65 -17.77
CA GLU A 199 -31.51 1.50 -17.58
C GLU A 199 -30.37 1.81 -16.65
N ASN A 200 -30.15 3.08 -16.36
CA ASN A 200 -29.16 3.43 -15.36
C ASN A 200 -29.76 3.83 -14.02
N ILE A 201 -31.02 3.48 -13.77
CA ILE A 201 -31.67 3.82 -12.51
C ILE A 201 -31.85 2.56 -11.65
N ILE A 202 -31.39 2.61 -10.39
CA ILE A 202 -31.60 1.51 -9.44
C ILE A 202 -32.24 2.17 -8.22
N LEU A 203 -33.18 1.55 -7.51
CA LEU A 203 -33.83 2.21 -6.38
C LEU A 203 -33.48 1.49 -5.10
N ASP A 204 -33.75 2.12 -3.96
CA ASP A 204 -33.35 1.56 -2.68
C ASP A 204 -34.33 2.10 -1.66
N PRO A 205 -35.00 1.22 -0.91
CA PRO A 205 -36.03 1.66 0.05
C PRO A 205 -35.45 2.52 1.20
N GLY A 206 -34.12 2.69 1.25
CA GLY A 206 -33.45 3.39 2.33
C GLY A 206 -33.79 2.94 3.74
N ILE A 207 -33.60 1.66 4.04
CA ILE A 207 -33.84 1.08 5.37
C ILE A 207 -32.85 1.72 6.39
N GLY A 208 -33.38 2.13 7.54
CA GLY A 208 -32.65 2.82 8.54
C GLY A 208 -32.52 4.32 8.40
N PHE A 209 -33.16 4.87 7.37
CA PHE A 209 -33.20 6.34 7.17
C PHE A 209 -34.60 6.86 7.21
N ALA A 210 -34.81 7.94 7.97
CA ALA A 210 -36.07 8.64 8.10
C ALA A 210 -37.20 7.71 8.50
N LYS A 211 -36.87 6.67 9.27
CA LYS A 211 -37.85 5.65 9.62
C LYS A 211 -37.59 5.20 11.04
N THR A 212 -38.68 5.14 11.82
CA THR A 212 -38.69 4.55 13.18
C THR A 212 -38.38 3.04 13.10
N PRO A 213 -38.00 2.38 14.20
CA PRO A 213 -37.77 0.94 14.04
C PRO A 213 -38.94 0.20 13.47
N GLU A 214 -40.15 0.61 13.80
CA GLU A 214 -41.36 -0.09 13.32
C GLU A 214 -41.63 0.18 11.87
N GLN A 215 -41.43 1.42 11.43
CA GLN A 215 -41.41 1.71 10.01
C GLN A 215 -40.43 0.96 9.23
N ASN A 216 -39.19 0.73 9.72
CA ASN A 216 -38.19 -0.17 9.04
C ASN A 216 -38.68 -1.59 8.82
N LEU A 217 -39.36 -2.18 9.79
CA LEU A 217 -39.91 -3.52 9.66
C LEU A 217 -41.16 -3.56 8.77
N GLU A 218 -41.92 -2.46 8.75
CA GLU A 218 -43.02 -2.30 7.79
C GLU A 218 -42.56 -2.19 6.33
N ALA A 219 -41.49 -1.44 6.05
CA ALA A 219 -40.89 -1.38 4.74
C ALA A 219 -40.36 -2.73 4.31
N MET A 220 -39.72 -3.47 5.19
CA MET A 220 -39.31 -4.87 4.91
C MET A 220 -40.47 -5.77 4.55
N ARG A 221 -41.55 -5.70 5.32
CA ARG A 221 -42.70 -6.54 5.07
C ARG A 221 -43.45 -6.18 3.74
N ASN A 222 -43.22 -4.99 3.15
CA ASN A 222 -43.94 -4.54 1.96
C ASN A 222 -42.99 -4.17 0.84
N LEU A 223 -41.76 -4.63 0.96
CA LEU A 223 -40.76 -4.37 -0.07
C LEU A 223 -41.16 -4.66 -1.51
N GLU A 224 -41.92 -5.71 -1.73
CA GLU A 224 -42.35 -6.04 -3.11
C GLU A 224 -43.13 -4.90 -3.80
N GLN A 225 -43.81 -4.06 -3.04
CA GLN A 225 -44.44 -2.83 -3.61
C GLN A 225 -43.50 -1.97 -4.50
N LEU A 226 -42.20 -1.94 -4.24
CA LEU A 226 -41.34 -1.03 -5.01
C LEU A 226 -41.11 -1.53 -6.41
N ASN A 227 -41.35 -2.82 -6.60
CA ASN A 227 -41.28 -3.47 -7.92
C ASN A 227 -42.19 -2.88 -8.93
N VAL A 228 -43.29 -2.26 -8.52
CA VAL A 228 -44.19 -1.67 -9.50
C VAL A 228 -43.55 -0.48 -10.19
N LEU A 229 -42.53 0.12 -9.60
CA LEU A 229 -41.92 1.26 -10.28
C LEU A 229 -41.12 0.87 -11.55
N GLY A 230 -40.86 -0.43 -11.75
CA GLY A 230 -40.21 -0.95 -12.99
C GLY A 230 -38.69 -1.01 -12.96
N TYR A 231 -38.12 -0.68 -11.80
CA TYR A 231 -36.66 -0.65 -11.67
C TYR A 231 -36.10 -1.73 -10.73
N PRO A 232 -34.82 -2.08 -10.94
CA PRO A 232 -34.11 -2.95 -10.00
C PRO A 232 -33.96 -2.34 -8.63
N VAL A 233 -34.05 -3.19 -7.61
CA VAL A 233 -33.98 -2.70 -6.25
C VAL A 233 -32.69 -3.20 -5.52
N LEU A 234 -32.00 -2.26 -4.85
CA LEU A 234 -30.90 -2.61 -3.93
C LEU A 234 -31.37 -2.49 -2.48
N LEU A 235 -31.11 -3.48 -1.64
CA LEU A 235 -31.45 -3.42 -0.24
C LEU A 235 -30.20 -3.26 0.66
N GLY A 236 -30.18 -2.26 1.53
CA GLY A 236 -29.11 -2.13 2.52
C GLY A 236 -29.55 -2.22 3.97
N THR A 237 -29.44 -3.38 4.58
CA THR A 237 -29.91 -3.53 5.96
C THR A 237 -28.77 -3.99 6.91
N SER A 238 -27.54 -4.06 6.41
CA SER A 238 -26.43 -4.70 7.13
C SER A 238 -26.15 -4.10 8.53
N ARG A 239 -26.41 -4.92 9.54
CA ARG A 239 -26.06 -4.58 10.91
C ARG A 239 -26.78 -3.33 11.46
N LYS A 240 -27.87 -2.91 10.83
CA LYS A 240 -28.46 -1.66 11.16
C LYS A 240 -29.14 -1.73 12.52
N SER A 241 -29.23 -0.57 13.15
CA SER A 241 -29.94 -0.40 14.38
C SER A 241 -31.37 -1.08 14.56
N PHE A 242 -32.23 -1.19 13.53
CA PHE A 242 -33.52 -1.92 13.72
C PHE A 242 -33.39 -3.43 13.96
N ILE A 243 -32.29 -4.02 13.50
CA ILE A 243 -32.03 -5.42 13.77
C ILE A 243 -31.71 -5.57 15.24
N GLY A 244 -30.98 -4.57 15.75
CA GLY A 244 -30.53 -4.53 17.14
C GLY A 244 -31.74 -4.35 18.01
N HIS A 245 -32.67 -3.54 17.55
CA HIS A 245 -33.89 -3.26 18.30
C HIS A 245 -34.74 -4.53 18.45
N VAL A 246 -34.76 -5.38 17.42
CA VAL A 246 -35.59 -6.57 17.51
C VAL A 246 -34.90 -7.62 18.38
N LEU A 247 -33.61 -7.87 18.10
CA LEU A 247 -32.90 -9.01 18.68
C LEU A 247 -32.33 -8.69 20.06
N ASP A 248 -32.26 -7.37 20.31
CA ASP A 248 -31.54 -6.75 21.42
C ASP A 248 -30.09 -7.19 21.47
N LEU A 249 -29.33 -6.78 20.46
CA LEU A 249 -28.00 -7.25 20.24
C LEU A 249 -27.13 -6.11 19.63
N PRO A 250 -25.85 -5.98 20.08
CA PRO A 250 -24.98 -4.93 19.54
C PRO A 250 -24.54 -5.18 18.10
N VAL A 251 -23.96 -4.15 17.46
CA VAL A 251 -23.64 -4.15 16.00
C VAL A 251 -22.83 -5.39 15.58
N GLU A 252 -21.98 -5.91 16.46
CA GLU A 252 -21.17 -7.08 16.11
C GLU A 252 -21.88 -8.43 16.32
N GLU A 253 -23.07 -8.42 16.91
CA GLU A 253 -23.85 -9.63 17.01
C GLU A 253 -25.09 -9.61 16.05
N ARG A 254 -24.99 -8.99 14.89
CA ARG A 254 -26.16 -8.82 14.04
C ARG A 254 -26.17 -9.62 12.73
N LEU A 255 -25.38 -10.69 12.68
CA LEU A 255 -25.13 -11.43 11.46
C LEU A 255 -26.36 -12.28 11.01
N GLU A 256 -26.92 -13.06 11.95
CA GLU A 256 -28.23 -13.74 11.82
C GLU A 256 -29.40 -12.78 11.51
N GLY A 257 -29.48 -11.67 12.20
CA GLY A 257 -30.50 -10.69 11.90
C GLY A 257 -30.35 -10.04 10.53
N THR A 258 -29.12 -9.75 10.09
CA THR A 258 -28.89 -9.28 8.72
C THR A 258 -29.28 -10.40 7.70
N GLY A 259 -28.95 -11.64 8.03
CA GLY A 259 -29.24 -12.72 7.11
C GLY A 259 -30.71 -12.78 6.80
N ALA A 260 -31.53 -12.65 7.84
CA ALA A 260 -32.98 -12.72 7.75
C ALA A 260 -33.43 -11.61 6.86
N THR A 261 -32.91 -10.41 7.03
CA THR A 261 -33.32 -9.29 6.14
C THR A 261 -32.95 -9.50 4.68
N VAL A 262 -31.73 -10.01 4.40
CA VAL A 262 -31.28 -10.39 3.03
C VAL A 262 -32.19 -11.45 2.47
N CYS A 263 -32.57 -12.44 3.26
CA CYS A 263 -33.47 -13.47 2.75
C CYS A 263 -34.81 -12.97 2.40
N LEU A 264 -35.45 -12.23 3.30
CA LEU A 264 -36.72 -11.64 2.95
C LEU A 264 -36.59 -10.66 1.74
N GLY A 265 -35.61 -9.82 1.69
CA GLY A 265 -35.35 -9.00 0.52
C GLY A 265 -35.27 -9.73 -0.80
N ILE A 266 -34.49 -10.77 -0.87
CA ILE A 266 -34.40 -11.56 -2.08
C ILE A 266 -35.71 -12.20 -2.41
N GLU A 267 -36.43 -12.72 -1.44
CA GLU A 267 -37.68 -13.28 -1.79
C GLU A 267 -38.67 -12.20 -2.27
N LYS A 268 -38.54 -10.99 -1.78
CA LYS A 268 -39.43 -9.97 -2.21
C LYS A 268 -38.94 -9.38 -3.51
N GLY A 269 -37.87 -9.88 -4.13
CA GLY A 269 -37.49 -9.37 -5.46
C GLY A 269 -36.27 -8.46 -5.62
N CYS A 270 -35.44 -8.29 -4.59
N CYS A 270 -35.48 -8.21 -4.58
CA CYS A 270 -34.32 -7.38 -4.73
CA CYS A 270 -34.39 -7.28 -4.78
C CYS A 270 -33.18 -7.92 -5.61
C CYS A 270 -33.26 -7.89 -5.66
N GLU A 271 -32.54 -7.02 -6.34
CA GLU A 271 -31.58 -7.43 -7.30
C GLU A 271 -30.16 -7.36 -6.66
N PHE A 272 -29.98 -6.59 -5.58
CA PHE A 272 -28.72 -6.34 -4.95
C PHE A 272 -28.91 -6.31 -3.46
N VAL A 273 -27.90 -6.70 -2.69
CA VAL A 273 -27.95 -6.45 -1.25
C VAL A 273 -26.60 -5.86 -0.92
N ARG A 274 -26.59 -4.86 -0.05
CA ARG A 274 -25.40 -4.15 0.43
C ARG A 274 -25.06 -4.57 1.85
N VAL A 275 -24.02 -5.37 1.99
CA VAL A 275 -23.65 -6.07 3.25
C VAL A 275 -22.13 -5.92 3.63
N HIS A 276 -21.83 -6.06 4.94
CA HIS A 276 -20.46 -6.06 5.46
C HIS A 276 -19.98 -7.51 5.42
N ASP A 277 -20.81 -8.46 5.91
CA ASP A 277 -20.43 -9.88 5.98
C ASP A 277 -20.53 -10.63 4.61
N VAL A 278 -19.59 -10.35 3.71
CA VAL A 278 -19.66 -10.84 2.36
C VAL A 278 -19.65 -12.37 2.27
N LYS A 279 -18.76 -13.05 2.96
CA LYS A 279 -18.79 -14.51 2.94
C LYS A 279 -20.17 -15.08 3.33
N GLU A 280 -20.72 -14.66 4.46
CA GLU A 280 -21.95 -15.25 4.96
C GLU A 280 -23.15 -14.93 4.04
N MET A 281 -23.24 -13.68 3.56
CA MET A 281 -24.41 -13.18 2.81
C MET A 281 -24.46 -13.70 1.38
N SER A 282 -23.28 -13.92 0.80
CA SER A 282 -23.17 -14.61 -0.47
C SER A 282 -23.69 -16.02 -0.44
N ARG A 283 -23.38 -16.74 0.62
CA ARG A 283 -23.96 -18.06 0.76
C ARG A 283 -25.46 -18.03 0.98
N MET A 284 -25.98 -17.07 1.76
CA MET A 284 -27.39 -17.04 2.00
C MET A 284 -28.09 -16.59 0.75
N ALA A 285 -27.62 -15.52 0.10
CA ALA A 285 -28.05 -15.12 -1.24
C ALA A 285 -28.18 -16.28 -2.21
N LYS A 286 -27.12 -17.07 -2.31
CA LYS A 286 -27.03 -18.14 -3.29
C LYS A 286 -27.99 -19.27 -3.02
N MET A 287 -28.19 -19.60 -1.78
CA MET A 287 -29.17 -20.61 -1.44
C MET A 287 -30.58 -20.04 -1.71
N MET A 288 -30.85 -18.77 -1.37
CA MET A 288 -32.16 -18.19 -1.70
C MET A 288 -32.43 -18.31 -3.22
N ASP A 289 -31.49 -17.77 -4.01
CA ASP A 289 -31.53 -17.87 -5.49
C ASP A 289 -31.93 -19.28 -5.98
N ALA A 290 -31.25 -20.29 -5.49
CA ALA A 290 -31.62 -21.65 -5.88
C ALA A 290 -33.07 -21.97 -5.56
N MET A 291 -33.53 -21.56 -4.40
CA MET A 291 -34.85 -21.97 -3.93
C MET A 291 -35.91 -21.18 -4.68
N ILE A 292 -35.83 -19.86 -4.74
CA ILE A 292 -36.86 -19.08 -5.44
C ILE A 292 -36.78 -19.27 -6.97
N GLY A 293 -35.79 -19.98 -7.46
CA GLY A 293 -35.61 -20.24 -8.88
C GLY A 293 -34.98 -19.09 -9.67
N LYS A 294 -34.16 -18.24 -9.05
CA LYS A 294 -33.41 -17.17 -9.75
C LYS A 294 -32.01 -17.63 -10.11
N LYS B 22 36.13 -19.21 9.35
CA LYS B 22 36.96 -17.96 9.29
C LYS B 22 36.44 -16.84 10.21
N TRP B 23 35.15 -16.46 10.11
CA TRP B 23 34.59 -15.50 11.09
C TRP B 23 34.13 -16.25 12.31
N ASP B 24 34.34 -15.74 13.50
CA ASP B 24 33.94 -16.54 14.66
C ASP B 24 32.72 -15.99 15.38
N TYR B 25 32.05 -15.09 14.68
CA TYR B 25 30.72 -14.65 15.05
C TYR B 25 29.82 -14.49 13.80
N ASP B 26 28.49 -14.47 14.02
CA ASP B 26 27.52 -14.01 13.01
C ASP B 26 27.15 -12.57 13.28
N LEU B 27 26.56 -11.93 12.29
CA LEU B 27 26.06 -10.61 12.43
C LEU B 27 24.63 -10.72 13.02
N ARG B 28 24.49 -10.11 14.18
CA ARG B 28 23.27 -10.14 14.94
C ARG B 28 22.51 -8.88 14.64
N CYS B 29 21.30 -9.07 14.11
CA CYS B 29 20.41 -8.02 13.63
C CYS B 29 19.01 -8.20 14.20
N GLY B 30 18.91 -8.20 15.54
CA GLY B 30 17.60 -8.32 16.20
C GLY B 30 16.98 -9.70 15.99
N GLU B 31 15.85 -9.80 15.28
CA GLU B 31 15.36 -11.14 14.96
C GLU B 31 16.20 -11.93 13.94
N TYR B 32 16.94 -11.27 13.05
CA TYR B 32 17.69 -11.97 12.04
C TYR B 32 19.17 -12.09 12.38
N THR B 33 19.75 -13.17 11.90
CA THR B 33 21.16 -13.43 12.12
C THR B 33 21.71 -13.56 10.74
N LEU B 34 22.83 -12.89 10.46
CA LEU B 34 23.53 -13.05 9.19
C LEU B 34 24.84 -13.80 9.41
N ASN B 35 24.88 -15.03 8.90
CA ASN B 35 26.11 -15.80 8.80
C ASN B 35 27.12 -15.23 7.77
N LEU B 36 28.36 -14.97 8.22
CA LEU B 36 29.41 -14.37 7.35
C LEU B 36 30.30 -15.39 6.63
N ASN B 37 30.14 -16.68 6.87
CA ASN B 37 31.02 -17.65 6.24
C ASN B 37 30.35 -18.42 5.13
N GLU B 38 29.04 -18.58 5.20
CA GLU B 38 28.27 -19.35 4.23
C GLU B 38 28.34 -18.77 2.81
N LYS B 39 28.15 -17.47 2.69
CA LYS B 39 27.95 -16.99 1.38
C LYS B 39 28.24 -15.52 1.34
N THR B 40 28.54 -14.95 0.19
CA THR B 40 28.50 -13.49 0.04
C THR B 40 27.03 -13.05 0.21
N LEU B 41 26.83 -12.06 1.09
CA LEU B 41 25.53 -11.46 1.41
C LEU B 41 25.14 -10.32 0.46
N ILE B 42 23.94 -10.38 -0.08
CA ILE B 42 23.50 -9.44 -1.08
C ILE B 42 22.67 -8.34 -0.45
N MET B 43 23.14 -7.10 -0.52
CA MET B 43 22.34 -5.95 -0.09
C MET B 43 21.61 -5.26 -1.25
N GLY B 44 20.29 -5.40 -1.27
CA GLY B 44 19.52 -4.92 -2.44
C GLY B 44 19.19 -3.47 -2.23
N ILE B 45 19.40 -2.67 -3.27
CA ILE B 45 19.10 -1.25 -3.17
C ILE B 45 17.59 -0.95 -3.53
N LEU B 46 16.83 -0.49 -2.51
CA LEU B 46 15.44 0.00 -2.72
C LEU B 46 15.37 1.26 -3.60
N ASN B 47 14.48 1.17 -4.61
CA ASN B 47 14.00 2.28 -5.44
C ASN B 47 13.39 3.40 -4.57
N VAL B 48 14.04 4.57 -4.48
CA VAL B 48 13.45 5.74 -3.78
C VAL B 48 13.05 6.93 -4.76
N THR B 49 11.79 6.92 -5.20
CA THR B 49 11.26 7.98 -6.08
C THR B 49 10.27 8.92 -5.33
N PRO B 50 10.75 10.12 -4.87
CA PRO B 50 9.89 11.25 -4.43
C PRO B 50 8.56 11.41 -5.22
N SER B 54 5.29 14.02 -3.72
CA SER B 54 4.68 14.86 -2.67
C SER B 54 5.37 14.68 -1.29
N ASP B 55 4.59 14.78 -0.20
CA ASP B 55 5.11 14.83 1.20
C ASP B 55 5.86 13.59 1.72
N GLY B 56 5.47 12.39 1.25
CA GLY B 56 6.11 11.11 1.69
C GLY B 56 5.20 10.30 2.61
N GLY B 57 4.82 9.11 2.16
CA GLY B 57 3.83 8.31 2.90
C GLY B 57 2.67 7.84 2.02
N SER B 58 2.53 8.50 0.86
CA SER B 58 1.47 8.20 -0.10
C SER B 58 1.50 6.70 -0.47
N TYR B 59 0.36 6.21 -0.96
CA TYR B 59 0.19 4.79 -1.26
C TYR B 59 1.10 4.35 -2.39
N ASN B 60 1.32 5.22 -3.38
CA ASN B 60 2.09 4.77 -4.54
C ASN B 60 3.56 4.65 -4.20
N GLU B 61 4.11 5.61 -3.44
CA GLU B 61 5.51 5.51 -3.01
C GLU B 61 5.75 4.22 -2.20
N VAL B 62 5.02 4.12 -1.05
CA VAL B 62 5.20 3.07 -0.04
C VAL B 62 4.85 1.68 -0.61
N ASP B 63 3.79 1.65 -1.46
CA ASP B 63 3.38 0.42 -2.18
C ASP B 63 4.42 0.04 -3.23
N ALA B 64 4.96 1.03 -3.95
CA ALA B 64 6.02 0.76 -4.97
C ALA B 64 7.27 0.15 -4.37
N ALA B 65 7.60 0.62 -3.18
CA ALA B 65 8.81 0.20 -2.45
C ALA B 65 8.66 -1.18 -1.81
N VAL B 66 7.47 -1.50 -1.28
CA VAL B 66 7.21 -2.82 -0.69
C VAL B 66 7.33 -3.86 -1.81
N ARG B 67 6.82 -3.52 -2.99
CA ARG B 67 6.73 -4.48 -4.10
C ARG B 67 8.15 -4.74 -4.58
N HIS B 68 8.94 -3.67 -4.67
CA HIS B 68 10.35 -3.76 -5.01
C HIS B 68 11.14 -4.60 -4.01
N ALA B 69 10.99 -4.25 -2.73
CA ALA B 69 11.53 -5.07 -1.63
C ALA B 69 11.17 -6.54 -1.74
N LYS B 70 9.93 -6.83 -2.13
CA LYS B 70 9.44 -8.20 -2.21
C LYS B 70 10.09 -8.98 -3.34
N GLU B 71 10.32 -8.29 -4.45
CA GLU B 71 10.94 -8.87 -5.60
C GLU B 71 12.45 -9.06 -5.39
N MET B 72 13.16 -8.09 -4.81
CA MET B 72 14.54 -8.35 -4.36
C MET B 72 14.63 -9.49 -3.32
N ARG B 73 13.67 -9.58 -2.39
CA ARG B 73 13.63 -10.76 -1.51
C ARG B 73 13.57 -12.03 -2.36
N ASP B 74 12.54 -12.11 -3.21
CA ASP B 74 12.39 -13.21 -4.13
C ASP B 74 13.62 -13.52 -5.01
N GLU B 75 14.40 -12.50 -5.36
CA GLU B 75 15.54 -12.67 -6.28
C GLU B 75 16.90 -13.00 -5.59
N GLY B 76 16.97 -12.82 -4.28
CA GLY B 76 18.09 -13.36 -3.51
C GLY B 76 18.79 -12.41 -2.55
N ALA B 77 18.19 -11.23 -2.35
CA ALA B 77 18.66 -10.22 -1.41
C ALA B 77 18.60 -10.79 0.00
N HIS B 78 19.64 -10.49 0.81
CA HIS B 78 19.69 -10.88 2.23
C HIS B 78 19.46 -9.67 3.13
N ILE B 79 19.65 -8.49 2.56
CA ILE B 79 19.40 -7.22 3.23
C ILE B 79 18.76 -6.25 2.24
N ILE B 80 17.85 -5.40 2.75
CA ILE B 80 17.22 -4.31 1.96
C ILE B 80 17.77 -2.97 2.42
N ASP B 81 18.46 -2.24 1.54
CA ASP B 81 19.02 -0.96 1.93
C ASP B 81 18.04 0.11 1.60
N ILE B 82 17.56 0.90 2.56
CA ILE B 82 16.60 1.96 2.27
C ILE B 82 17.20 3.37 2.40
N GLY B 83 17.32 4.08 1.26
CA GLY B 83 18.21 5.26 1.15
C GLY B 83 17.49 6.60 1.13
N GLY B 84 17.65 7.36 2.21
CA GLY B 84 16.95 8.66 2.38
C GLY B 84 17.10 9.75 1.32
N GLU B 85 18.35 10.13 1.00
CA GLU B 85 18.67 11.24 0.06
C GLU B 85 19.85 10.88 -0.83
N SER B 86 19.59 10.85 -2.14
CA SER B 86 20.54 10.30 -3.12
C SER B 86 21.15 11.37 -4.06
N THR B 87 22.48 11.52 -4.05
CA THR B 87 23.19 12.38 -5.00
C THR B 87 23.08 11.87 -6.46
N VAL B 94 16.04 19.66 1.49
CA VAL B 94 15.15 18.79 2.26
C VAL B 94 15.88 18.23 3.50
N SER B 95 15.20 18.36 4.63
CA SER B 95 15.80 18.35 5.97
C SER B 95 15.87 17.00 6.66
N VAL B 96 16.36 17.05 7.89
CA VAL B 96 16.20 15.99 8.88
C VAL B 96 14.72 15.61 9.01
N GLU B 97 13.85 16.62 9.10
CA GLU B 97 12.39 16.44 9.29
C GLU B 97 11.76 15.74 8.08
N GLU B 98 12.11 16.20 6.86
CA GLU B 98 11.71 15.61 5.57
C GLU B 98 12.14 14.17 5.33
N GLU B 99 13.45 13.90 5.47
CA GLU B 99 14.02 12.56 5.25
C GLU B 99 13.37 11.55 6.23
N ILE B 100 13.07 11.98 7.46
CA ILE B 100 12.43 11.09 8.44
C ILE B 100 11.02 10.74 7.95
N LYS B 101 10.26 11.78 7.58
CA LYS B 101 8.91 11.67 7.04
C LYS B 101 8.87 10.72 5.87
N ARG B 102 9.86 10.83 4.98
CA ARG B 102 9.88 10.06 3.75
C ARG B 102 10.43 8.68 3.94
N VAL B 103 11.37 8.48 4.86
CA VAL B 103 11.96 7.16 5.00
C VAL B 103 11.25 6.25 6.01
N VAL B 104 10.65 6.82 7.06
CA VAL B 104 10.10 6.01 8.18
C VAL B 104 8.85 5.17 7.82
N PRO B 105 7.92 5.72 7.01
CA PRO B 105 6.79 4.92 6.50
C PRO B 105 7.26 3.69 5.71
N MET B 106 8.37 3.89 4.96
CA MET B 106 8.93 2.80 4.18
C MET B 106 9.56 1.66 4.96
N ILE B 107 10.19 2.02 6.10
CA ILE B 107 10.81 1.04 6.98
C ILE B 107 9.73 0.24 7.70
N GLN B 108 8.70 0.96 8.16
CA GLN B 108 7.56 0.34 8.79
C GLN B 108 6.85 -0.63 7.88
N ALA B 109 6.59 -0.20 6.63
CA ALA B 109 5.88 -1.06 5.66
C ALA B 109 6.76 -2.24 5.26
N VAL B 110 8.05 -1.97 4.93
CA VAL B 110 8.90 -3.06 4.47
C VAL B 110 9.20 -4.10 5.58
N SER B 111 9.47 -3.65 6.81
CA SER B 111 9.75 -4.55 7.92
C SER B 111 8.55 -5.41 8.30
N LYS B 112 7.36 -4.82 8.28
CA LYS B 112 6.15 -5.56 8.47
C LYS B 112 5.92 -6.57 7.34
N GLU B 113 6.25 -6.18 6.13
CA GLU B 113 5.77 -6.93 4.98
C GLU B 113 6.76 -7.87 4.32
N VAL B 114 8.07 -7.54 4.43
CA VAL B 114 9.20 -8.38 3.95
C VAL B 114 10.16 -8.78 5.11
N LYS B 115 10.38 -10.10 5.26
CA LYS B 115 11.18 -10.61 6.37
C LYS B 115 12.69 -10.75 6.01
N LEU B 116 13.43 -9.64 6.13
CA LEU B 116 14.86 -9.54 5.81
C LEU B 116 15.31 -8.36 6.65
N PRO B 117 16.61 -8.29 7.03
CA PRO B 117 16.97 -7.06 7.71
C PRO B 117 17.05 -5.87 6.76
N ILE B 118 16.86 -4.69 7.34
CA ILE B 118 16.86 -3.44 6.62
C ILE B 118 17.96 -2.58 7.13
N SER B 119 18.70 -1.98 6.23
CA SER B 119 19.62 -0.94 6.66
C SER B 119 19.05 0.34 6.22
N ILE B 120 19.18 1.33 7.10
CA ILE B 120 18.85 2.69 6.80
C ILE B 120 20.09 3.37 6.30
N ASP B 121 20.09 3.74 5.02
CA ASP B 121 21.24 4.45 4.45
C ASP B 121 21.18 5.91 4.77
N THR B 122 21.61 6.30 5.96
CA THR B 122 21.74 7.74 6.29
C THR B 122 23.19 8.13 6.77
N TYR B 123 23.43 9.38 7.16
CA TYR B 123 24.64 9.77 7.93
C TYR B 123 24.28 10.61 9.13
N LYS B 124 22.98 10.87 9.28
CA LYS B 124 22.48 11.79 10.28
C LYS B 124 21.97 10.97 11.46
N ALA B 125 22.26 11.43 12.67
CA ALA B 125 21.92 10.71 13.90
C ALA B 125 20.39 10.57 14.06
N GLU B 126 19.69 11.66 13.78
CA GLU B 126 18.27 11.72 14.05
C GLU B 126 17.51 10.76 13.14
N VAL B 127 17.92 10.79 11.86
CA VAL B 127 17.36 9.96 10.81
C VAL B 127 17.56 8.48 11.12
N ALA B 128 18.74 8.14 11.65
CA ALA B 128 19.08 6.78 12.03
C ALA B 128 18.31 6.26 13.24
N LYS B 129 18.13 7.11 14.25
CA LYS B 129 17.39 6.73 15.45
C LYS B 129 15.93 6.39 15.11
N GLN B 130 15.21 7.33 14.49
CA GLN B 130 13.80 7.13 14.10
C GLN B 130 13.65 5.86 13.31
N ALA B 131 14.57 5.72 12.35
CA ALA B 131 14.61 4.63 11.40
C ALA B 131 14.70 3.28 12.09
N ILE B 132 15.49 3.22 13.17
CA ILE B 132 15.70 1.98 13.94
C ILE B 132 14.48 1.72 14.83
N GLU B 133 13.94 2.77 15.44
CA GLU B 133 12.69 2.62 16.16
C GLU B 133 11.54 2.24 15.22
N ALA B 134 11.60 2.75 13.98
CA ALA B 134 10.67 2.36 12.90
C ALA B 134 10.85 0.92 12.40
N GLY B 135 11.92 0.26 12.84
CA GLY B 135 12.15 -1.17 12.54
C GLY B 135 13.38 -1.54 11.68
N ALA B 136 14.29 -0.58 11.42
CA ALA B 136 15.51 -0.87 10.68
C ALA B 136 16.55 -1.52 11.59
N HIS B 137 17.47 -2.27 10.99
CA HIS B 137 18.31 -3.19 11.76
C HIS B 137 19.78 -2.85 11.78
N ILE B 138 20.27 -2.19 10.73
CA ILE B 138 21.69 -1.93 10.38
C ILE B 138 21.75 -0.44 9.99
N ILE B 139 22.77 0.28 10.42
CA ILE B 139 22.98 1.67 10.00
C ILE B 139 24.02 1.70 8.90
N ASN B 140 23.73 2.45 7.83
CA ASN B 140 24.61 2.49 6.64
C ASN B 140 25.13 3.89 6.33
N ASP B 141 26.31 4.18 6.89
CA ASP B 141 26.79 5.55 6.95
C ASP B 141 27.88 5.83 5.94
N ILE B 142 27.50 6.62 4.92
CA ILE B 142 28.41 7.02 3.83
C ILE B 142 29.52 7.94 4.29
N TRP B 143 29.42 8.44 5.52
CA TRP B 143 30.42 9.35 6.04
C TRP B 143 31.16 8.74 7.22
N GLY B 144 30.82 7.49 7.56
CA GLY B 144 31.54 6.69 8.55
C GLY B 144 31.62 7.30 9.93
N ALA B 145 30.52 7.90 10.37
CA ALA B 145 30.47 8.61 11.64
C ALA B 145 31.30 9.90 11.67
N LYS B 146 31.76 10.37 10.51
CA LYS B 146 32.55 11.63 10.53
C LYS B 146 31.66 12.84 10.35
N ALA B 147 30.47 12.61 9.83
CA ALA B 147 29.52 13.66 9.47
C ALA B 147 28.81 14.14 10.71
N GLU B 148 28.44 13.18 11.54
CA GLU B 148 27.55 13.38 12.65
C GLU B 148 27.85 12.28 13.66
N PRO B 149 28.96 12.42 14.38
CA PRO B 149 29.56 11.42 15.26
C PRO B 149 28.59 10.76 16.24
N LYS B 150 27.65 11.57 16.78
CA LYS B 150 26.47 11.07 17.52
C LYS B 150 25.72 9.85 16.91
N ILE B 151 25.85 9.61 15.60
CA ILE B 151 25.31 8.39 15.00
C ILE B 151 25.86 7.09 15.60
N ALA B 152 27.12 7.10 16.05
CA ALA B 152 27.70 5.95 16.73
C ALA B 152 27.14 5.81 18.15
N GLU B 153 26.71 6.92 18.74
CA GLU B 153 26.00 6.86 20.04
C GLU B 153 24.66 6.18 19.89
N VAL B 154 24.08 6.35 18.71
CA VAL B 154 22.78 5.73 18.36
C VAL B 154 22.98 4.23 18.11
N ALA B 155 24.03 3.89 17.34
CA ALA B 155 24.38 2.53 17.05
C ALA B 155 24.65 1.75 18.30
N ALA B 156 25.38 2.36 19.24
CA ALA B 156 25.86 1.67 20.45
C ALA B 156 24.71 1.49 21.38
N HIS B 157 23.78 2.43 21.36
CA HIS B 157 22.57 2.34 22.18
C HIS B 157 21.58 1.30 21.67
N TYR B 158 21.37 1.24 20.37
CA TYR B 158 20.49 0.23 19.79
C TYR B 158 21.20 -1.09 19.66
N ASP B 159 22.53 -1.04 19.69
CA ASP B 159 23.37 -2.22 19.66
C ASP B 159 23.28 -2.93 18.32
N VAL B 160 23.27 -2.15 17.22
CA VAL B 160 23.06 -2.62 15.83
C VAL B 160 24.30 -2.54 14.94
N PRO B 161 24.43 -3.43 13.94
CA PRO B 161 25.60 -3.32 13.04
C PRO B 161 25.66 -1.98 12.40
N ILE B 162 26.85 -1.42 12.17
CA ILE B 162 26.95 -0.13 11.46
C ILE B 162 28.03 -0.25 10.38
N ILE B 163 27.77 0.35 9.20
CA ILE B 163 28.68 0.28 8.08
C ILE B 163 29.34 1.61 8.04
N LEU B 164 30.67 1.63 7.97
CA LEU B 164 31.43 2.88 7.99
C LEU B 164 32.13 2.96 6.70
N MET B 165 31.57 3.73 5.79
CA MET B 165 32.11 3.82 4.43
C MET B 165 33.26 4.83 4.38
N HIS B 166 34.31 4.51 3.60
CA HIS B 166 35.31 5.50 3.25
C HIS B 166 34.75 6.67 2.47
N ASN B 167 34.77 7.82 3.09
CA ASN B 167 34.50 9.03 2.32
C ASN B 167 35.52 10.04 2.78
N ARG B 168 35.80 11.07 1.95
CA ARG B 168 36.50 12.27 2.39
C ARG B 168 36.12 13.45 1.48
N ASP B 169 36.53 14.66 1.82
CA ASP B 169 36.10 15.81 1.02
C ASP B 169 37.06 16.26 -0.10
N ASN B 170 38.05 15.45 -0.44
CA ASN B 170 39.05 15.81 -1.45
C ASN B 170 39.57 14.52 -2.08
N MET B 171 40.26 14.62 -3.20
CA MET B 171 40.76 13.45 -3.92
C MET B 171 42.27 13.53 -4.05
N ASN B 172 42.91 13.96 -2.96
CA ASN B 172 44.35 14.12 -2.94
C ASN B 172 45.08 13.08 -2.08
N TYR B 173 45.48 12.00 -2.72
CA TYR B 173 46.03 10.93 -1.97
C TYR B 173 47.53 10.90 -2.12
N ARG B 174 48.21 10.74 -0.99
CA ARG B 174 49.63 10.43 -0.99
C ARG B 174 49.81 8.98 -1.47
N ASN B 175 49.01 8.07 -0.92
CA ASN B 175 49.00 6.65 -1.28
C ASN B 175 47.55 6.23 -0.99
N LEU B 176 46.78 5.99 -2.05
CA LEU B 176 45.32 5.79 -1.96
C LEU B 176 44.99 4.79 -0.90
N MET B 177 45.54 3.60 -1.06
CA MET B 177 45.16 2.50 -0.17
C MET B 177 45.47 2.65 1.30
N ALA B 178 46.68 3.17 1.58
CA ALA B 178 47.16 3.49 2.91
C ALA B 178 46.36 4.61 3.48
N ASP B 179 46.09 5.65 2.67
CA ASP B 179 45.27 6.77 3.11
C ASP B 179 43.82 6.33 3.40
N MET B 180 43.23 5.52 2.51
CA MET B 180 41.91 4.98 2.80
C MET B 180 41.85 4.21 4.11
N ILE B 181 42.85 3.36 4.38
CA ILE B 181 42.93 2.59 5.64
C ILE B 181 43.14 3.47 6.86
N ALA B 182 44.02 4.46 6.76
CA ALA B 182 44.06 5.56 7.73
C ALA B 182 42.65 6.15 7.97
N ASP B 183 42.00 6.66 6.93
CA ASP B 183 40.62 7.18 7.07
C ASP B 183 39.62 6.21 7.72
N LEU B 184 39.63 4.98 7.25
CA LEU B 184 38.79 3.97 7.87
C LEU B 184 39.07 3.71 9.34
N TYR B 185 40.35 3.73 9.77
CA TYR B 185 40.69 3.64 11.20
CA TYR B 185 40.63 3.60 11.18
C TYR B 185 40.19 4.82 12.01
N ASP B 186 40.23 6.01 11.40
CA ASP B 186 39.67 7.20 12.07
C ASP B 186 38.14 6.99 12.32
N SER B 187 37.44 6.31 11.42
CA SER B 187 36.01 6.05 11.66
C SER B 187 35.80 5.04 12.81
N ILE B 188 36.59 3.97 12.83
CA ILE B 188 36.56 2.96 13.89
C ILE B 188 36.79 3.55 15.29
N LYS B 189 37.82 4.40 15.43
CA LYS B 189 38.05 5.08 16.70
C LYS B 189 36.75 5.82 17.11
N ILE B 190 36.11 6.59 16.20
CA ILE B 190 34.85 7.31 16.56
C ILE B 190 33.71 6.35 17.01
N ALA B 191 33.51 5.30 16.23
CA ALA B 191 32.59 4.24 16.60
C ALA B 191 32.89 3.67 18.00
N LYS B 192 34.10 3.14 18.20
CA LYS B 192 34.39 2.35 19.39
C LYS B 192 34.43 3.20 20.62
N ASP B 193 34.80 4.46 20.41
CA ASP B 193 34.90 5.48 21.41
C ASP B 193 33.52 5.77 21.93
N ALA B 194 32.51 5.66 21.05
CA ALA B 194 31.14 5.92 21.47
C ALA B 194 30.45 4.69 22.04
N GLY B 195 31.09 3.52 21.93
CA GLY B 195 30.61 2.30 22.60
C GLY B 195 30.28 1.15 21.66
N VAL B 196 30.42 1.36 20.34
CA VAL B 196 30.15 0.31 19.35
C VAL B 196 31.10 -0.92 19.45
N ARG B 197 30.59 -2.08 19.87
CA ARG B 197 31.38 -3.32 19.96
C ARG B 197 31.93 -3.67 18.59
N ASP B 198 33.08 -4.35 18.57
CA ASP B 198 33.73 -4.65 17.31
C ASP B 198 32.86 -5.46 16.38
N GLU B 199 32.21 -6.50 16.94
CA GLU B 199 31.37 -7.42 16.20
C GLU B 199 30.25 -6.68 15.49
N ASN B 200 30.08 -5.39 15.77
CA ASN B 200 29.08 -4.55 15.10
C ASN B 200 29.62 -3.53 14.12
N ILE B 201 30.84 -3.72 13.62
CA ILE B 201 31.51 -2.79 12.69
C ILE B 201 31.74 -3.47 11.35
N ILE B 202 31.35 -2.74 10.30
CA ILE B 202 31.48 -3.16 8.91
C ILE B 202 32.15 -2.01 8.13
N LEU B 203 33.11 -2.33 7.23
CA LEU B 203 33.79 -1.25 6.52
C LEU B 203 33.49 -1.31 5.06
N ASP B 204 33.64 -0.17 4.38
CA ASP B 204 33.29 -0.11 2.98
C ASP B 204 34.34 0.81 2.40
N PRO B 205 34.99 0.41 1.27
CA PRO B 205 36.01 1.24 0.60
C PRO B 205 35.44 2.53 -0.08
N GLY B 206 34.12 2.63 -0.14
CA GLY B 206 33.46 3.83 -0.65
C GLY B 206 33.81 4.11 -2.09
N ILE B 207 33.69 3.07 -2.94
CA ILE B 207 34.00 3.16 -4.39
C ILE B 207 33.02 4.16 -5.04
N GLY B 208 33.56 5.10 -5.78
CA GLY B 208 32.73 6.16 -6.27
C GLY B 208 32.70 7.41 -5.41
N PHE B 209 33.30 7.40 -4.22
CA PHE B 209 33.30 8.63 -3.41
C PHE B 209 34.70 9.07 -3.20
N ALA B 210 34.88 10.38 -3.40
CA ALA B 210 36.13 11.11 -3.26
C ALA B 210 37.26 10.42 -3.96
N LYS B 211 36.96 9.81 -5.10
CA LYS B 211 37.97 9.13 -5.99
C LYS B 211 37.77 9.45 -7.49
N THR B 212 38.86 9.73 -8.20
CA THR B 212 38.86 9.84 -9.65
C THR B 212 38.53 8.47 -10.23
N PRO B 213 38.03 8.40 -11.48
CA PRO B 213 37.83 7.04 -12.06
C PRO B 213 39.03 6.07 -11.93
N GLU B 214 40.25 6.58 -12.01
CA GLU B 214 41.44 5.78 -11.94
C GLU B 214 41.70 5.36 -10.50
N GLN B 215 41.35 6.21 -9.56
CA GLN B 215 41.52 5.80 -8.20
C GLN B 215 40.54 4.72 -7.82
N ASN B 216 39.29 4.78 -8.34
CA ASN B 216 38.32 3.70 -8.14
C ASN B 216 38.79 2.38 -8.65
N LEU B 217 39.42 2.37 -9.80
CA LEU B 217 40.02 1.14 -10.32
C LEU B 217 41.22 0.62 -9.47
N GLU B 218 41.99 1.54 -8.89
CA GLU B 218 43.12 1.20 -8.08
C GLU B 218 42.63 0.60 -6.76
N ALA B 219 41.55 1.17 -6.23
CA ALA B 219 41.00 0.69 -4.96
C ALA B 219 40.43 -0.69 -5.17
N MET B 220 39.69 -0.90 -6.26
CA MET B 220 39.24 -2.25 -6.62
C MET B 220 40.40 -3.27 -6.72
N ARG B 221 41.50 -2.85 -7.32
CA ARG B 221 42.64 -3.73 -7.58
C ARG B 221 43.41 -4.07 -6.27
N ASN B 222 43.20 -3.30 -5.21
CA ASN B 222 43.89 -3.48 -3.95
C ASN B 222 42.98 -3.73 -2.80
N LEU B 223 41.73 -4.08 -3.11
CA LEU B 223 40.70 -4.25 -2.11
C LEU B 223 41.08 -5.17 -0.99
N GLU B 224 41.88 -6.20 -1.31
CA GLU B 224 42.27 -7.18 -0.29
C GLU B 224 43.05 -6.55 0.88
N GLN B 225 43.64 -5.37 0.68
CA GLN B 225 44.39 -4.70 1.75
C GLN B 225 43.47 -4.29 2.91
N LEU B 226 42.18 -4.12 2.68
CA LEU B 226 41.27 -3.70 3.74
C LEU B 226 41.08 -4.79 4.77
N ASN B 227 41.35 -6.02 4.33
CA ASN B 227 41.15 -7.21 5.18
C ASN B 227 41.97 -7.20 6.42
N VAL B 228 43.15 -6.51 6.41
CA VAL B 228 44.03 -6.54 7.53
C VAL B 228 43.43 -5.82 8.75
N LEU B 229 42.41 -4.99 8.54
CA LEU B 229 41.86 -4.26 9.65
C LEU B 229 41.06 -5.18 10.58
N GLY B 230 40.66 -6.36 10.07
CA GLY B 230 39.99 -7.37 10.86
C GLY B 230 38.47 -7.27 10.88
N TYR B 231 37.87 -6.45 10.03
CA TYR B 231 36.38 -6.36 9.96
C TYR B 231 35.79 -6.78 8.64
N PRO B 232 34.53 -7.25 8.68
CA PRO B 232 33.84 -7.47 7.41
C PRO B 232 33.85 -6.24 6.51
N VAL B 233 33.93 -6.51 5.22
CA VAL B 233 33.90 -5.48 4.17
C VAL B 233 32.58 -5.52 3.25
N LEU B 234 31.96 -4.35 3.07
CA LEU B 234 30.86 -4.30 2.12
C LEU B 234 31.33 -3.53 0.88
N LEU B 235 31.09 -4.09 -0.29
CA LEU B 235 31.38 -3.38 -1.52
C LEU B 235 30.14 -2.84 -2.28
N GLY B 236 30.16 -1.53 -2.51
CA GLY B 236 29.14 -0.86 -3.36
C GLY B 236 29.62 -0.26 -4.66
N THR B 237 29.54 -1.03 -5.73
CA THR B 237 29.99 -0.57 -7.04
C THR B 237 28.87 -0.39 -8.11
N SER B 238 27.63 -0.81 -7.76
CA SER B 238 26.49 -1.10 -8.71
C SER B 238 26.20 0.08 -9.55
N ARG B 239 26.50 -0.09 -10.83
CA ARG B 239 26.15 0.89 -11.90
C ARG B 239 26.94 2.20 -11.83
N LYS B 240 27.98 2.21 -11.00
CA LYS B 240 28.61 3.47 -10.74
C LYS B 240 29.29 4.07 -11.97
N SER B 241 29.56 5.34 -11.85
CA SER B 241 30.09 6.08 -12.94
C SER B 241 31.49 5.58 -13.43
N PHE B 242 32.29 4.94 -12.58
CA PHE B 242 33.59 4.42 -13.07
C PHE B 242 33.46 3.25 -14.00
N ILE B 243 32.36 2.53 -13.91
CA ILE B 243 32.10 1.46 -14.83
C ILE B 243 31.79 2.07 -16.21
N GLY B 244 31.01 3.15 -16.19
CA GLY B 244 30.66 3.89 -17.42
C GLY B 244 31.89 4.48 -18.08
N HIS B 245 32.82 4.98 -17.29
CA HIS B 245 34.06 5.50 -17.85
C HIS B 245 34.88 4.41 -18.50
N VAL B 246 34.87 3.20 -17.95
CA VAL B 246 35.66 2.14 -18.59
C VAL B 246 34.96 1.65 -19.87
N LEU B 247 33.66 1.36 -19.73
CA LEU B 247 32.95 0.65 -20.76
C LEU B 247 32.37 1.57 -21.82
N ASP B 248 32.36 2.88 -21.49
CA ASP B 248 31.68 3.97 -22.26
C ASP B 248 30.22 3.65 -22.56
N LEU B 249 29.47 3.43 -21.46
CA LEU B 249 28.14 2.90 -21.47
C LEU B 249 27.28 3.63 -20.42
N PRO B 250 26.00 4.01 -20.73
CA PRO B 250 25.20 4.75 -19.72
C PRO B 250 24.71 3.89 -18.57
N VAL B 251 24.20 4.50 -17.50
CA VAL B 251 23.79 3.79 -16.27
C VAL B 251 22.93 2.52 -16.41
N GLU B 252 22.05 2.46 -17.41
CA GLU B 252 21.22 1.26 -17.59
C GLU B 252 21.94 0.13 -18.39
N GLU B 253 23.11 0.45 -18.95
CA GLU B 253 23.89 -0.53 -19.69
C GLU B 253 25.17 -1.04 -18.89
N ARG B 254 25.10 -1.06 -17.55
CA ARG B 254 26.26 -1.36 -16.71
C ARG B 254 26.13 -2.64 -15.85
N LEU B 255 25.28 -3.58 -16.26
CA LEU B 255 25.09 -4.79 -15.51
C LEU B 255 26.29 -5.71 -15.65
N GLU B 256 26.84 -5.87 -16.84
CA GLU B 256 28.08 -6.63 -17.02
C GLU B 256 29.29 -6.03 -16.34
N GLY B 257 29.47 -4.73 -16.51
CA GLY B 257 30.47 -3.99 -15.78
C GLY B 257 30.37 -4.15 -14.25
N THR B 258 29.14 -4.12 -13.70
CA THR B 258 28.92 -4.27 -12.24
C THR B 258 29.27 -5.68 -11.80
N GLY B 259 28.88 -6.67 -12.61
CA GLY B 259 29.18 -8.04 -12.33
C GLY B 259 30.67 -8.28 -12.25
N ALA B 260 31.48 -7.69 -13.13
CA ALA B 260 32.92 -7.79 -13.01
C ALA B 260 33.43 -7.24 -11.67
N THR B 261 32.98 -6.06 -11.26
CA THR B 261 33.36 -5.50 -9.95
C THR B 261 32.91 -6.39 -8.75
N VAL B 262 31.72 -6.96 -8.83
CA VAL B 262 31.23 -7.93 -7.84
C VAL B 262 32.09 -9.16 -7.72
N CYS B 263 32.41 -9.79 -8.84
CA CYS B 263 33.28 -10.93 -8.83
C CYS B 263 34.65 -10.60 -8.26
N LEU B 264 35.27 -9.49 -8.71
CA LEU B 264 36.59 -9.22 -8.23
C LEU B 264 36.54 -8.97 -6.73
N GLY B 265 35.55 -8.22 -6.26
CA GLY B 265 35.39 -7.83 -4.90
C GLY B 265 35.26 -9.03 -3.98
N ILE B 266 34.58 -10.07 -4.44
CA ILE B 266 34.42 -11.32 -3.70
C ILE B 266 35.68 -12.16 -3.77
N GLU B 267 36.30 -12.22 -4.96
CA GLU B 267 37.59 -12.91 -4.97
C GLU B 267 38.58 -12.27 -3.96
N LYS B 268 38.41 -11.00 -3.68
CA LYS B 268 39.25 -10.32 -2.77
C LYS B 268 38.79 -10.30 -1.32
N GLY B 269 37.72 -11.05 -0.96
CA GLY B 269 37.30 -11.21 0.44
C GLY B 269 36.17 -10.33 0.96
N CYS B 270 35.40 -9.66 0.12
CA CYS B 270 34.31 -8.85 0.62
CA CYS B 270 34.36 -8.87 0.72
C CYS B 270 33.21 -9.77 1.21
N GLU B 271 32.52 -9.31 2.23
CA GLU B 271 31.49 -10.12 2.85
C GLU B 271 30.03 -9.77 2.32
N PHE B 272 29.82 -8.56 1.81
CA PHE B 272 28.56 -8.06 1.32
C PHE B 272 28.84 -7.31 0.05
N VAL B 273 27.81 -7.22 -0.83
CA VAL B 273 27.86 -6.35 -2.04
C VAL B 273 26.47 -5.74 -2.11
N ARG B 274 26.46 -4.44 -2.36
CA ARG B 274 25.31 -3.58 -2.43
C ARG B 274 24.97 -3.36 -3.90
N VAL B 275 23.81 -3.85 -4.34
CA VAL B 275 23.60 -3.94 -5.75
C VAL B 275 22.17 -3.58 -6.18
N HIS B 276 22.01 -3.07 -7.41
CA HIS B 276 20.68 -2.93 -7.95
C HIS B 276 20.16 -4.19 -8.59
N ASP B 277 21.01 -4.95 -9.30
CA ASP B 277 20.47 -6.08 -10.06
C ASP B 277 20.57 -7.35 -9.19
N VAL B 278 19.62 -7.49 -8.26
CA VAL B 278 19.69 -8.57 -7.32
C VAL B 278 19.71 -9.94 -7.96
N LYS B 279 18.90 -10.20 -8.97
CA LYS B 279 18.82 -11.57 -9.48
C LYS B 279 20.14 -11.96 -10.14
N GLU B 280 20.64 -11.08 -11.01
CA GLU B 280 21.83 -11.30 -11.76
C GLU B 280 23.10 -11.45 -10.84
N MET B 281 23.28 -10.48 -9.93
CA MET B 281 24.41 -10.43 -9.02
C MET B 281 24.39 -11.53 -7.98
N SER B 282 23.19 -12.02 -7.66
CA SER B 282 23.07 -13.20 -6.76
C SER B 282 23.56 -14.48 -7.36
N ARG B 283 23.27 -14.67 -8.63
CA ARG B 283 23.85 -15.76 -9.39
C ARG B 283 25.35 -15.69 -9.50
N MET B 284 25.89 -14.48 -9.73
CA MET B 284 27.30 -14.33 -9.92
C MET B 284 28.02 -14.53 -8.58
N ALA B 285 27.48 -13.91 -7.53
CA ALA B 285 27.98 -14.03 -6.17
C ALA B 285 28.00 -15.51 -5.80
N LYS B 286 26.90 -16.20 -6.06
CA LYS B 286 26.79 -17.62 -5.77
C LYS B 286 27.81 -18.44 -6.54
N MET B 287 28.11 -18.10 -7.77
CA MET B 287 29.03 -18.92 -8.54
C MET B 287 30.48 -18.64 -8.12
N MET B 288 30.81 -17.37 -7.77
CA MET B 288 32.10 -17.01 -7.15
C MET B 288 32.29 -17.80 -5.84
N ASP B 289 31.39 -17.63 -4.86
CA ASP B 289 31.40 -18.46 -3.61
C ASP B 289 31.80 -19.92 -3.86
N ALA B 290 31.18 -20.56 -4.85
CA ALA B 290 31.49 -21.97 -5.10
C ALA B 290 32.90 -22.12 -5.58
N MET B 291 33.38 -21.24 -6.44
CA MET B 291 34.74 -21.40 -6.98
C MET B 291 35.83 -21.09 -5.92
N ILE B 292 35.64 -20.01 -5.16
CA ILE B 292 36.69 -19.58 -4.24
C ILE B 292 36.65 -20.43 -2.97
N GLY B 293 35.61 -21.24 -2.72
CA GLY B 293 35.56 -22.14 -1.57
C GLY B 293 34.79 -21.60 -0.37
N LYS B 294 34.07 -20.48 -0.54
CA LYS B 294 33.12 -19.92 0.47
C LYS B 294 31.76 -20.68 0.51
#